data_3R9U
#
_entry.id   3R9U
#
_cell.length_a   154.006
_cell.length_b   163.571
_cell.length_c   66.876
_cell.angle_alpha   90.000
_cell.angle_beta   90.000
_cell.angle_gamma   90.000
#
_symmetry.space_group_name_H-M   'C 2 2 2'
#
loop_
_entity.id
_entity.type
_entity.pdbx_description
1 polymer 'Thioredoxin reductase'
2 non-polymer 'FLAVIN-ADENINE DINUCLEOTIDE'
3 non-polymer 1,2-ETHANEDIOL
4 water water
#
_entity_poly.entity_id   1
_entity_poly.type   'polypeptide(L)'
_entity_poly.pdbx_seq_one_letter_code
;SNA(MSE)LDVAIIGGGPAGLSAGLYATRGGLKNVV(MSE)FEKG(MSE)PGGQITSSSEIENYPGVAQV(MSE)DGISF
(MSE)APWSEQC(MSE)RFGLKHE(MSE)VGVEQILKNSDGSFTIKLEGGKTELAKAVIVCTGSAPKKAGFKGEDEFFGK
GVSTCATCDGFFYKNKEVAVLGGGDTALEEALYLANICSKIYLIHRRDEFRAAPSTVEKVKKNEKIELITSASVDEVYGD
K(MSE)GVAGVKVKLKDGSIRDLNVPGIFTFVGLNVRNEILKQDDSKFLCN(MSE)EEGGQVSVDLK(MSE)QTSVAGLF
AAGDLRKDAPKQVICAAGDGAVAALSA(MSE)AYIESLH
;
_entity_poly.pdbx_strand_id   A,B
#
# COMPACT_ATOMS: atom_id res chain seq x y z
N SER A 1 -15.32 -4.98 0.01
CA SER A 1 -15.90 -4.10 1.07
C SER A 1 -16.08 -4.80 2.42
N ASN A 2 -16.52 -6.07 2.40
CA ASN A 2 -16.62 -6.80 3.65
C ASN A 2 -15.19 -7.23 4.02
N ALA A 3 -14.50 -7.85 3.06
CA ALA A 3 -13.09 -8.19 3.19
C ALA A 3 -12.20 -7.10 2.59
N LEU A 5 -9.46 -5.47 0.34
CA LEU A 5 -9.10 -5.56 -1.06
C LEU A 5 -7.67 -6.02 -1.25
N ASP A 6 -7.45 -6.75 -2.32
CA ASP A 6 -6.13 -7.00 -2.76
C ASP A 6 -5.47 -5.72 -3.28
N VAL A 7 -6.09 -5.08 -4.26
CA VAL A 7 -5.53 -3.84 -4.76
C VAL A 7 -6.58 -2.74 -4.79
N ALA A 8 -6.22 -1.54 -4.36
CA ALA A 8 -7.08 -0.42 -4.68
C ALA A 8 -6.44 0.43 -5.76
N ILE A 9 -7.15 0.64 -6.87
CA ILE A 9 -6.63 1.42 -7.94
C ILE A 9 -7.29 2.76 -7.95
N ILE A 10 -6.50 3.83 -7.78
CA ILE A 10 -7.05 5.18 -7.63
C ILE A 10 -6.93 5.97 -8.94
N GLY A 11 -8.03 5.96 -9.72
CA GLY A 11 -8.13 6.66 -10.96
C GLY A 11 -8.47 5.66 -12.03
N GLY A 12 -9.37 6.06 -12.93
CA GLY A 12 -9.70 5.18 -14.09
C GLY A 12 -9.38 5.68 -15.47
N GLY A 13 -8.24 6.28 -15.67
CA GLY A 13 -7.89 6.56 -17.06
C GLY A 13 -7.19 5.33 -17.62
N PRO A 14 -6.46 5.51 -18.72
CA PRO A 14 -5.73 4.41 -19.35
C PRO A 14 -4.87 3.65 -18.36
N ALA A 15 -4.24 4.33 -17.43
CA ALA A 15 -3.36 3.69 -16.46
C ALA A 15 -4.11 2.83 -15.44
N GLY A 16 -5.17 3.39 -14.84
CA GLY A 16 -6.02 2.62 -13.97
C GLY A 16 -6.63 1.42 -14.70
N LEU A 17 -7.23 1.66 -15.86
CA LEU A 17 -7.93 0.59 -16.57
C LEU A 17 -6.97 -0.57 -16.89
N SER A 18 -5.80 -0.18 -17.36
CA SER A 18 -4.78 -1.09 -17.70
C SER A 18 -4.24 -1.84 -16.46
N ALA A 19 -4.10 -1.15 -15.33
CA ALA A 19 -3.67 -1.82 -14.10
C ALA A 19 -4.70 -2.86 -13.63
N GLY A 20 -5.98 -2.50 -13.79
CA GLY A 20 -7.14 -3.34 -13.40
C GLY A 20 -7.27 -4.58 -14.25
N LEU A 21 -7.08 -4.42 -15.56
CA LEU A 21 -6.93 -5.52 -16.48
C LEU A 21 -5.83 -6.48 -16.08
N TYR A 22 -4.65 -5.94 -15.77
CA TYR A 22 -3.51 -6.84 -15.48
C TYR A 22 -3.64 -7.57 -14.14
N ALA A 23 -4.18 -6.85 -13.13
CA ALA A 23 -4.20 -7.34 -11.77
C ALA A 23 -5.24 -8.49 -11.72
N THR A 24 -6.36 -8.35 -12.45
CA THR A 24 -7.40 -9.32 -12.41
C THR A 24 -7.17 -10.45 -13.35
N ARG A 25 -6.78 -10.17 -14.58
CA ARG A 25 -6.39 -11.27 -15.41
C ARG A 25 -5.33 -12.12 -14.70
N GLY A 26 -4.51 -11.47 -13.88
CA GLY A 26 -3.35 -12.14 -13.34
C GLY A 26 -3.71 -13.09 -12.20
N GLY A 27 -4.88 -12.87 -11.61
CA GLY A 27 -5.40 -13.74 -10.64
C GLY A 27 -5.89 -13.09 -9.37
N LEU A 28 -5.69 -11.79 -9.20
CA LEU A 28 -6.19 -11.18 -8.00
C LEU A 28 -7.71 -11.01 -8.07
N LYS A 29 -8.38 -11.32 -6.98
CA LYS A 29 -9.84 -11.44 -6.95
C LYS A 29 -10.56 -10.22 -6.42
N ASN A 30 -9.92 -9.37 -5.65
CA ASN A 30 -10.66 -8.21 -5.13
CA ASN A 30 -10.62 -8.24 -5.04
C ASN A 30 -9.94 -6.93 -5.49
N VAL A 31 -10.37 -6.36 -6.59
CA VAL A 31 -9.67 -5.25 -7.19
C VAL A 31 -10.68 -4.22 -7.53
N VAL A 32 -10.61 -3.08 -6.84
CA VAL A 32 -11.51 -2.01 -7.16
C VAL A 32 -10.78 -0.82 -7.70
N PHE A 34 -11.29 2.98 -8.24
CA PHE A 34 -12.12 4.12 -7.79
C PHE A 34 -11.96 5.27 -8.78
N GLU A 35 -13.00 5.55 -9.55
CA GLU A 35 -12.96 6.61 -10.57
C GLU A 35 -14.20 7.53 -10.37
N LYS A 36 -14.00 8.83 -10.18
CA LYS A 36 -15.14 9.64 -9.69
C LYS A 36 -16.18 9.74 -10.78
N GLY A 37 -15.77 9.94 -12.03
CA GLY A 37 -16.74 9.88 -13.13
C GLY A 37 -16.79 8.53 -13.86
N PRO A 39 -15.09 5.85 -16.75
CA PRO A 39 -13.65 5.71 -16.93
C PRO A 39 -13.24 6.22 -18.28
N GLY A 40 -11.98 6.54 -18.44
CA GLY A 40 -11.52 7.09 -19.67
C GLY A 40 -10.54 8.15 -19.28
N GLY A 41 -10.89 8.98 -18.30
CA GLY A 41 -10.00 10.06 -17.91
C GLY A 41 -9.74 11.09 -19.01
N GLN A 42 -8.57 11.71 -18.98
CA GLN A 42 -8.29 12.96 -19.72
C GLN A 42 -8.60 12.88 -21.22
N ILE A 43 -8.22 11.76 -21.86
CA ILE A 43 -8.23 11.68 -23.30
C ILE A 43 -9.66 11.73 -23.81
N THR A 44 -10.61 11.36 -22.97
CA THR A 44 -12.01 11.40 -23.41
C THR A 44 -12.41 12.82 -23.79
N SER A 45 -11.60 13.79 -23.41
CA SER A 45 -11.93 15.13 -23.79
C SER A 45 -11.16 15.59 -25.04
N SER A 46 -10.26 14.77 -25.58
CA SER A 46 -9.60 15.05 -26.87
C SER A 46 -10.55 14.79 -28.03
N SER A 47 -10.37 15.58 -29.09
CA SER A 47 -11.08 15.42 -30.33
C SER A 47 -10.39 14.42 -31.28
N GLU A 48 -9.14 14.09 -31.04
CA GLU A 48 -8.46 13.20 -31.98
C GLU A 48 -7.30 12.51 -31.32
N ILE A 49 -7.33 11.20 -31.22
CA ILE A 49 -6.06 10.51 -30.96
C ILE A 49 -5.76 9.68 -32.15
N GLU A 50 -4.48 9.52 -32.53
CA GLU A 50 -4.03 8.75 -33.74
C GLU A 50 -2.72 8.01 -33.53
N ASN A 51 -2.12 8.21 -32.38
CA ASN A 51 -0.75 7.75 -32.12
C ASN A 51 -0.74 6.67 -31.07
N TYR A 52 -1.81 5.91 -30.95
CA TYR A 52 -1.77 4.84 -29.95
C TYR A 52 -1.49 3.59 -30.78
N PRO A 53 -0.29 3.08 -30.60
CA PRO A 53 0.16 2.04 -31.56
C PRO A 53 -0.78 0.81 -31.43
N GLY A 54 -1.10 0.19 -32.55
CA GLY A 54 -2.02 -0.95 -32.57
C GLY A 54 -3.47 -0.49 -32.74
N VAL A 55 -3.73 0.81 -32.65
CA VAL A 55 -5.04 1.27 -33.04
C VAL A 55 -4.94 2.21 -34.21
N ALA A 56 -5.20 1.71 -35.40
CA ALA A 56 -4.88 2.37 -36.66
C ALA A 56 -5.99 3.28 -37.11
N GLN A 57 -7.13 3.19 -36.45
CA GLN A 57 -8.25 4.04 -36.85
C GLN A 57 -8.17 5.33 -36.03
N VAL A 58 -8.05 6.45 -36.74
CA VAL A 58 -8.09 7.76 -36.13
C VAL A 58 -9.49 8.05 -35.55
N ASP A 60 -12.12 10.14 -32.12
CA ASP A 60 -12.19 11.03 -30.96
C ASP A 60 -11.90 10.25 -29.66
N GLY A 61 -11.58 10.94 -28.59
CA GLY A 61 -11.28 10.32 -27.30
C GLY A 61 -12.36 9.44 -26.67
N ILE A 62 -13.62 9.82 -26.80
CA ILE A 62 -14.69 9.03 -26.29
C ILE A 62 -14.80 7.73 -27.09
N SER A 63 -14.64 7.74 -28.40
CA SER A 63 -14.77 6.49 -29.16
C SER A 63 -13.58 5.61 -28.91
N PHE A 64 -12.43 6.23 -28.78
CA PHE A 64 -11.19 5.49 -28.46
C PHE A 64 -11.33 4.74 -27.12
N ALA A 66 -14.07 3.90 -25.40
CA ALA A 66 -15.33 3.19 -25.11
C ALA A 66 -15.18 1.68 -24.94
N PRO A 67 -14.40 1.03 -25.82
CA PRO A 67 -14.24 -0.40 -25.71
C PRO A 67 -13.49 -0.80 -24.47
N TRP A 68 -12.74 0.13 -23.86
CA TRP A 68 -11.86 -0.26 -22.75
C TRP A 68 -12.61 -0.81 -21.56
N SER A 69 -13.74 -0.21 -21.20
CA SER A 69 -14.44 -0.68 -20.01
C SER A 69 -14.73 -2.14 -20.12
N GLU A 70 -15.35 -2.57 -21.22
CA GLU A 70 -15.71 -3.97 -21.32
C GLU A 70 -14.45 -4.85 -21.23
N GLN A 71 -13.38 -4.44 -21.92
CA GLN A 71 -12.19 -5.26 -22.05
C GLN A 71 -11.52 -5.36 -20.69
N CYS A 72 -11.42 -4.23 -20.01
CA CYS A 72 -10.63 -4.21 -18.77
C CYS A 72 -11.41 -4.79 -17.58
N ARG A 74 -13.29 -7.76 -17.90
CA ARG A 74 -13.61 -9.16 -18.20
C ARG A 74 -13.21 -10.14 -17.14
N PHE A 75 -12.27 -9.78 -16.28
CA PHE A 75 -11.82 -10.71 -15.26
C PHE A 75 -12.17 -10.25 -13.86
N GLY A 76 -13.23 -9.46 -13.71
CA GLY A 76 -13.78 -9.18 -12.38
C GLY A 76 -13.43 -7.80 -11.82
N LEU A 77 -12.73 -6.96 -12.60
CA LEU A 77 -12.41 -5.62 -12.09
C LEU A 77 -13.68 -4.89 -11.66
N LYS A 78 -13.70 -4.29 -10.48
CA LYS A 78 -14.84 -3.43 -10.09
C LYS A 78 -14.54 -1.96 -10.23
N HIS A 79 -15.54 -1.23 -10.73
CA HIS A 79 -15.56 0.20 -10.79
C HIS A 79 -16.47 0.73 -9.70
N GLU A 80 -15.91 1.45 -8.73
CA GLU A 80 -16.69 2.20 -7.76
C GLU A 80 -16.66 3.64 -8.18
N VAL A 82 -16.74 6.72 -7.01
CA VAL A 82 -16.63 7.54 -5.81
C VAL A 82 -15.29 8.25 -5.88
N GLY A 83 -15.20 9.41 -5.24
CA GLY A 83 -13.90 10.10 -5.17
C GLY A 83 -13.12 9.66 -3.93
N VAL A 84 -11.83 9.70 -4.05
CA VAL A 84 -10.97 9.25 -2.98
C VAL A 84 -10.36 10.49 -2.41
N GLU A 85 -10.19 10.56 -1.10
CA GLU A 85 -9.69 11.81 -0.48
C GLU A 85 -8.29 11.65 0.05
N GLN A 86 -7.96 10.44 0.46
CA GLN A 86 -6.73 10.23 1.14
C GLN A 86 -6.33 8.77 1.15
N ILE A 87 -5.06 8.55 0.84
CA ILE A 87 -4.37 7.31 1.13
C ILE A 87 -3.63 7.36 2.48
N LEU A 88 -3.72 6.29 3.29
CA LEU A 88 -2.95 6.13 4.52
C LEU A 88 -2.24 4.78 4.57
N LYS A 89 -1.09 4.76 5.24
CA LYS A 89 -0.33 3.55 5.44
C LYS A 89 -0.55 3.13 6.89
N ASN A 90 -1.14 1.94 7.08
CA ASN A 90 -1.36 1.45 8.43
C ASN A 90 -0.12 0.85 9.10
N SER A 91 -0.03 1.03 10.41
CA SER A 91 1.05 0.44 11.20
C SER A 91 1.25 -1.02 10.82
N ASP A 92 0.17 -1.72 10.54
CA ASP A 92 0.28 -3.15 10.16
C ASP A 92 0.75 -3.46 8.72
N GLY A 93 0.95 -2.45 7.87
CA GLY A 93 1.36 -2.71 6.48
C GLY A 93 0.23 -2.62 5.45
N SER A 94 -1.03 -2.67 5.92
CA SER A 94 -2.14 -2.48 5.03
C SER A 94 -2.37 -0.97 4.76
N PHE A 95 -3.27 -0.67 3.82
CA PHE A 95 -3.60 0.69 3.47
C PHE A 95 -5.01 1.00 3.83
N THR A 96 -5.23 2.25 4.20
CA THR A 96 -6.59 2.77 4.40
C THR A 96 -6.86 3.80 3.32
N ILE A 97 -8.01 3.63 2.65
CA ILE A 97 -8.40 4.52 1.55
C ILE A 97 -9.56 5.38 2.05
N LYS A 98 -9.38 6.68 2.11
CA LYS A 98 -10.49 7.50 2.60
C LYS A 98 -11.32 8.02 1.46
N LEU A 99 -12.63 7.82 1.53
CA LEU A 99 -13.52 8.27 0.48
C LEU A 99 -14.31 9.50 0.87
N GLU A 100 -14.77 10.22 -0.16
CA GLU A 100 -15.69 11.30 0.05
C GLU A 100 -16.94 10.79 0.77
N GLY A 101 -17.47 11.61 1.68
CA GLY A 101 -18.64 11.24 2.48
C GLY A 101 -18.34 10.36 3.68
N GLY A 102 -17.07 10.26 4.06
CA GLY A 102 -16.69 9.60 5.32
C GLY A 102 -16.52 8.09 5.28
N LYS A 103 -16.55 7.51 4.09
CA LYS A 103 -16.39 6.06 3.95
C LYS A 103 -14.93 5.68 3.79
N THR A 104 -14.65 4.43 4.14
CA THR A 104 -13.30 3.91 4.25
C THR A 104 -13.20 2.55 3.59
N GLU A 105 -12.03 2.28 3.06
CA GLU A 105 -11.73 0.99 2.46
C GLU A 105 -10.33 0.53 2.93
N LEU A 106 -10.11 -0.76 2.97
CA LEU A 106 -8.82 -1.30 3.28
C LEU A 106 -8.26 -2.09 2.11
N ALA A 107 -6.95 -2.21 2.05
CA ALA A 107 -6.29 -2.77 0.84
C ALA A 107 -4.89 -3.21 1.20
N LYS A 108 -4.46 -4.31 0.61
CA LYS A 108 -3.09 -4.77 0.78
C LYS A 108 -2.08 -3.91 0.04
N ALA A 109 -2.49 -3.44 -1.15
CA ALA A 109 -1.67 -2.70 -2.10
C ALA A 109 -2.53 -1.57 -2.66
N VAL A 110 -1.88 -0.51 -3.15
CA VAL A 110 -2.54 0.60 -3.76
C VAL A 110 -1.75 1.03 -4.95
N ILE A 111 -2.44 1.24 -6.08
CA ILE A 111 -1.87 1.84 -7.25
C ILE A 111 -2.56 3.13 -7.52
N VAL A 112 -1.81 4.22 -7.35
CA VAL A 112 -2.31 5.56 -7.53
C VAL A 112 -2.04 5.99 -8.98
N CYS A 113 -3.11 6.40 -9.61
CA CYS A 113 -3.24 6.55 -11.04
C CYS A 113 -4.01 7.83 -11.34
N THR A 114 -3.91 8.86 -10.51
CA THR A 114 -4.95 9.90 -10.56
C THR A 114 -4.83 10.95 -11.66
N GLY A 115 -3.79 10.89 -12.46
CA GLY A 115 -3.74 11.70 -13.66
C GLY A 115 -3.32 13.13 -13.37
N SER A 116 -3.81 14.02 -14.22
CA SER A 116 -3.44 15.44 -14.16
C SER A 116 -4.66 16.27 -14.49
N ALA A 117 -4.54 17.54 -14.15
CA ALA A 117 -5.61 18.47 -14.39
C ALA A 117 -5.02 19.74 -15.00
N PRO A 118 -5.82 20.46 -15.80
CA PRO A 118 -5.46 21.68 -16.52
C PRO A 118 -4.82 22.73 -15.64
N LYS A 119 -3.64 23.18 -16.06
CA LYS A 119 -2.89 24.28 -15.43
C LYS A 119 -3.74 25.53 -15.63
N LYS A 120 -3.63 26.48 -14.69
CA LYS A 120 -4.01 27.89 -14.93
C LYS A 120 -3.05 28.60 -15.90
N ALA A 121 -3.59 29.42 -16.80
CA ALA A 121 -2.73 30.21 -17.68
C ALA A 121 -2.16 31.40 -16.95
N GLY A 122 -2.92 31.94 -16.00
CA GLY A 122 -2.50 33.09 -15.20
C GLY A 122 -2.89 34.43 -15.83
N PHE A 123 -4.15 34.66 -16.14
CA PHE A 123 -4.47 35.98 -16.62
C PHE A 123 -5.66 36.52 -15.88
N LYS A 124 -5.75 37.83 -15.84
CA LYS A 124 -6.85 38.49 -15.17
C LYS A 124 -8.18 37.97 -15.73
N GLY A 125 -9.08 37.64 -14.82
CA GLY A 125 -10.41 37.14 -15.15
C GLY A 125 -10.50 35.63 -15.44
N GLU A 126 -9.37 34.95 -15.52
CA GLU A 126 -9.37 33.52 -15.78
C GLU A 126 -10.33 32.79 -14.85
N ASP A 127 -10.14 32.98 -13.55
CA ASP A 127 -10.93 32.27 -12.54
C ASP A 127 -12.35 32.79 -12.48
N GLU A 128 -12.49 34.10 -12.52
CA GLU A 128 -13.82 34.72 -12.47
C GLU A 128 -14.72 34.20 -13.63
N PHE A 129 -14.14 33.95 -14.80
CA PHE A 129 -14.99 33.54 -15.94
C PHE A 129 -15.03 32.06 -16.26
N PHE A 130 -14.38 31.26 -15.44
CA PHE A 130 -14.32 29.85 -15.69
C PHE A 130 -15.74 29.28 -15.75
N GLY A 131 -16.09 28.59 -16.84
CA GLY A 131 -17.47 28.04 -16.99
C GLY A 131 -18.54 29.02 -17.48
N LYS A 132 -18.13 30.27 -17.72
CA LYS A 132 -18.96 31.31 -18.37
C LYS A 132 -18.25 31.96 -19.60
N GLY A 133 -17.35 31.20 -20.24
CA GLY A 133 -16.71 31.59 -21.50
C GLY A 133 -15.25 31.16 -21.56
N VAL A 134 -14.73 30.71 -20.42
CA VAL A 134 -13.38 30.26 -20.28
C VAL A 134 -13.55 28.76 -20.10
N SER A 135 -12.80 27.96 -20.86
CA SER A 135 -12.99 26.56 -20.82
C SER A 135 -11.70 25.80 -21.10
N THR A 136 -11.67 24.53 -20.69
CA THR A 136 -10.50 23.72 -20.96
C THR A 136 -10.90 22.47 -21.67
N CYS A 137 -12.18 22.43 -22.09
CA CYS A 137 -12.68 21.30 -22.87
C CYS A 137 -13.45 21.75 -24.10
N ALA A 138 -12.83 21.58 -25.26
CA ALA A 138 -13.46 21.98 -26.54
C ALA A 138 -14.58 21.01 -27.02
N THR A 139 -14.36 19.69 -26.90
CA THR A 139 -15.45 18.76 -27.15
C THR A 139 -16.66 18.99 -26.21
N CYS A 140 -16.46 19.37 -24.97
CA CYS A 140 -17.66 19.62 -24.14
C CYS A 140 -18.41 20.84 -24.62
N ASP A 141 -17.70 21.92 -24.92
CA ASP A 141 -18.33 23.26 -25.05
C ASP A 141 -18.40 23.79 -26.46
N GLY A 142 -17.73 23.12 -27.42
CA GLY A 142 -17.70 23.57 -28.82
C GLY A 142 -19.07 23.97 -29.34
N PHE A 143 -20.02 23.05 -29.19
CA PHE A 143 -21.36 23.18 -29.70
C PHE A 143 -22.00 24.54 -29.40
N PHE A 144 -21.74 25.09 -28.21
CA PHE A 144 -22.30 26.38 -27.84
C PHE A 144 -21.76 27.52 -28.72
N TYR A 145 -20.65 27.32 -29.43
CA TYR A 145 -19.97 28.37 -30.19
C TYR A 145 -20.04 28.13 -31.69
N LYS A 146 -21.09 27.43 -32.13
CA LYS A 146 -21.29 27.17 -33.56
C LYS A 146 -21.48 28.49 -34.33
N ASN A 147 -20.82 28.63 -35.47
CA ASN A 147 -20.84 29.90 -36.25
C ASN A 147 -20.48 31.17 -35.40
N LYS A 148 -19.55 31.04 -34.45
CA LYS A 148 -19.11 32.15 -33.60
C LYS A 148 -17.58 32.14 -33.57
N GLU A 149 -16.97 33.22 -33.05
CA GLU A 149 -15.51 33.29 -33.04
C GLU A 149 -15.07 32.95 -31.63
N VAL A 150 -13.97 32.23 -31.51
CA VAL A 150 -13.42 31.99 -30.19
C VAL A 150 -11.92 32.10 -30.21
N ALA A 151 -11.36 32.23 -29.02
CA ALA A 151 -9.91 32.14 -28.89
C ALA A 151 -9.44 30.76 -28.34
N VAL A 152 -8.26 30.32 -28.72
CA VAL A 152 -7.64 29.13 -28.18
C VAL A 152 -6.24 29.56 -27.76
N LEU A 153 -5.84 29.23 -26.53
CA LEU A 153 -4.53 29.62 -25.95
C LEU A 153 -3.67 28.39 -25.74
N GLY A 154 -2.46 28.38 -26.30
CA GLY A 154 -1.56 27.28 -26.05
C GLY A 154 -0.78 27.06 -27.31
N GLY A 155 0.33 26.33 -27.23
CA GLY A 155 1.11 26.04 -28.44
C GLY A 155 1.60 24.60 -28.60
N GLY A 156 1.04 23.68 -27.81
CA GLY A 156 1.39 22.25 -27.88
C GLY A 156 0.46 21.48 -28.83
N ASP A 157 0.69 20.19 -28.96
CA ASP A 157 -0.16 19.32 -29.79
C ASP A 157 -1.65 19.55 -29.38
N THR A 158 -1.92 19.61 -28.08
CA THR A 158 -3.35 19.72 -27.66
C THR A 158 -4.03 21.00 -28.16
N ALA A 159 -3.42 22.14 -27.99
CA ALA A 159 -4.00 23.39 -28.50
C ALA A 159 -4.31 23.39 -29.97
N LEU A 160 -3.36 22.92 -30.78
CA LEU A 160 -3.56 22.91 -32.21
C LEU A 160 -4.69 21.98 -32.63
N GLU A 161 -4.65 20.75 -32.08
CA GLU A 161 -5.69 19.74 -32.33
C GLU A 161 -7.07 20.29 -32.01
N GLU A 162 -7.21 20.90 -30.84
CA GLU A 162 -8.53 21.37 -30.49
C GLU A 162 -8.88 22.60 -31.32
N ALA A 163 -7.89 23.40 -31.70
CA ALA A 163 -8.18 24.44 -32.70
C ALA A 163 -8.68 23.89 -34.05
N LEU A 164 -8.16 22.76 -34.52
CA LEU A 164 -8.65 22.14 -35.79
C LEU A 164 -10.06 21.65 -35.62
N TYR A 165 -10.34 21.12 -34.45
CA TYR A 165 -11.65 20.61 -34.18
C TYR A 165 -12.62 21.77 -34.08
N LEU A 166 -12.26 22.81 -33.36
CA LEU A 166 -13.16 23.94 -33.26
C LEU A 166 -13.37 24.67 -34.63
N ALA A 167 -12.44 24.45 -35.58
CA ALA A 167 -12.52 25.13 -36.88
C ALA A 167 -13.65 24.54 -37.74
N ASN A 168 -14.07 23.30 -37.51
CA ASN A 168 -15.26 22.77 -38.19
C ASN A 168 -16.59 23.30 -37.60
N ILE A 169 -16.55 24.06 -36.51
CA ILE A 169 -17.77 24.38 -35.74
C ILE A 169 -17.96 25.89 -35.65
N CYS A 170 -16.91 26.59 -35.24
CA CYS A 170 -16.93 28.03 -35.09
C CYS A 170 -16.68 28.68 -36.45
N SER A 171 -17.03 29.97 -36.58
CA SER A 171 -16.68 30.67 -37.83
C SER A 171 -15.22 31.03 -37.90
N LYS A 172 -14.57 31.12 -36.73
CA LYS A 172 -13.19 31.57 -36.70
C LYS A 172 -12.53 31.33 -35.37
N ILE A 173 -11.24 31.05 -35.47
CA ILE A 173 -10.46 30.84 -34.28
C ILE A 173 -9.23 31.70 -34.25
N TYR A 174 -8.96 32.29 -33.10
CA TYR A 174 -7.67 32.92 -32.91
C TYR A 174 -6.83 32.04 -32.02
N LEU A 175 -5.75 31.50 -32.61
CA LEU A 175 -4.84 30.67 -31.91
C LEU A 175 -3.71 31.56 -31.41
N ILE A 176 -3.52 31.60 -30.09
CA ILE A 176 -2.60 32.51 -29.45
C ILE A 176 -1.54 31.67 -28.74
N HIS A 177 -0.28 32.02 -28.92
CA HIS A 177 0.79 31.31 -28.24
C HIS A 177 1.96 32.26 -28.02
N ARG A 178 2.65 32.07 -26.89
CA ARG A 178 3.73 32.94 -26.43
C ARG A 178 5.06 32.83 -27.16
N ARG A 179 5.22 31.85 -28.05
CA ARG A 179 6.47 31.69 -28.79
CA ARG A 179 6.47 31.69 -28.81
C ARG A 179 6.25 31.87 -30.30
N ASP A 180 7.33 32.07 -31.05
CA ASP A 180 7.20 32.18 -32.52
C ASP A 180 6.89 30.86 -33.25
N GLU A 181 7.28 29.74 -32.66
CA GLU A 181 7.06 28.40 -33.25
C GLU A 181 6.38 27.46 -32.27
N PHE A 182 5.53 26.60 -32.80
CA PHE A 182 4.73 25.71 -31.99
C PHE A 182 5.56 24.52 -31.61
N ARG A 183 5.35 24.01 -30.41
CA ARG A 183 6.03 22.80 -29.94
C ARG A 183 5.13 21.58 -30.14
N ALA A 184 5.06 21.10 -31.39
CA ALA A 184 3.98 20.19 -31.77
C ALA A 184 4.31 19.44 -33.03
N ALA A 185 3.62 18.36 -33.30
CA ALA A 185 3.89 17.51 -34.48
C ALA A 185 3.78 18.33 -35.76
N PRO A 186 4.71 18.16 -36.71
CA PRO A 186 4.67 18.99 -37.92
C PRO A 186 3.42 18.81 -38.77
N SER A 187 2.89 17.59 -38.87
CA SER A 187 1.67 17.38 -39.66
C SER A 187 0.47 18.13 -39.05
N THR A 188 0.42 18.23 -37.71
CA THR A 188 -0.60 19.03 -37.13
C THR A 188 -0.37 20.53 -37.37
N VAL A 189 0.86 20.99 -37.33
CA VAL A 189 1.15 22.38 -37.55
C VAL A 189 0.76 22.74 -38.98
N GLU A 190 1.15 21.91 -39.97
CA GLU A 190 0.78 22.17 -41.35
CA GLU A 190 0.79 22.23 -41.34
C GLU A 190 -0.73 22.27 -41.56
N LYS A 191 -1.50 21.43 -40.89
CA LYS A 191 -2.95 21.51 -41.07
C LYS A 191 -3.46 22.83 -40.50
N VAL A 192 -2.87 23.27 -39.39
CA VAL A 192 -3.24 24.54 -38.78
C VAL A 192 -2.85 25.71 -39.67
N LYS A 193 -1.67 25.70 -40.32
CA LYS A 193 -1.24 26.88 -41.12
C LYS A 193 -2.07 27.02 -42.42
N LYS A 194 -2.51 25.86 -42.90
CA LYS A 194 -3.39 25.69 -44.06
C LYS A 194 -4.88 25.93 -43.85
N ASN A 195 -5.35 25.97 -42.60
CA ASN A 195 -6.76 26.16 -42.34
C ASN A 195 -7.08 27.66 -42.38
N GLU A 196 -7.89 28.03 -43.38
CA GLU A 196 -8.34 29.39 -43.65
CA GLU A 196 -8.27 29.42 -43.64
C GLU A 196 -9.08 30.01 -42.47
N LYS A 197 -9.49 29.16 -41.53
CA LYS A 197 -10.36 29.62 -40.39
C LYS A 197 -9.66 29.87 -39.09
N ILE A 198 -8.36 29.67 -39.11
CA ILE A 198 -7.56 29.88 -37.93
C ILE A 198 -6.49 30.91 -38.20
N GLU A 199 -6.55 31.97 -37.40
CA GLU A 199 -5.57 33.04 -37.41
C GLU A 199 -4.57 32.91 -36.23
N LEU A 200 -3.30 32.76 -36.58
CA LEU A 200 -2.24 32.68 -35.61
C LEU A 200 -1.89 34.06 -35.02
N ILE A 201 -1.81 34.12 -33.70
CA ILE A 201 -1.24 35.27 -33.07
C ILE A 201 -0.06 34.72 -32.27
N THR A 202 1.13 34.89 -32.81
CA THR A 202 2.33 34.34 -32.19
C THR A 202 3.09 35.36 -31.35
N SER A 203 3.99 34.87 -30.50
CA SER A 203 4.74 35.70 -29.53
C SER A 203 3.86 36.61 -28.74
N ALA A 204 2.74 36.04 -28.25
CA ALA A 204 1.67 36.83 -27.69
C ALA A 204 1.20 36.12 -26.44
N SER A 205 0.47 36.83 -25.57
CA SER A 205 -0.15 36.21 -24.41
C SER A 205 -1.44 36.93 -24.06
N VAL A 206 -2.17 36.39 -23.09
CA VAL A 206 -3.43 36.93 -22.77
C VAL A 206 -3.27 37.90 -21.58
N ASP A 207 -3.65 39.13 -21.81
CA ASP A 207 -3.60 40.09 -20.73
C ASP A 207 -4.77 39.91 -19.78
N GLU A 208 -5.97 39.74 -20.32
CA GLU A 208 -7.22 39.81 -19.52
C GLU A 208 -8.35 39.19 -20.35
N VAL A 209 -9.25 38.44 -19.73
CA VAL A 209 -10.50 38.11 -20.38
C VAL A 209 -11.47 38.99 -19.61
N TYR A 210 -12.45 39.63 -20.26
CA TYR A 210 -13.41 40.48 -19.56
C TYR A 210 -14.85 40.18 -20.02
N GLY A 211 -15.83 40.70 -19.28
CA GLY A 211 -17.23 40.53 -19.63
C GLY A 211 -18.06 40.88 -18.44
N ASP A 212 -19.18 40.21 -18.28
CA ASP A 212 -19.97 40.35 -17.06
C ASP A 212 -20.65 39.04 -16.74
N LYS A 213 -21.65 39.10 -15.85
CA LYS A 213 -22.35 37.90 -15.35
CA LYS A 213 -22.36 37.91 -15.35
C LYS A 213 -22.92 37.04 -16.49
N GLY A 215 -21.47 36.39 -19.19
CA GLY A 215 -20.35 35.68 -19.81
C GLY A 215 -19.20 36.53 -20.29
N VAL A 216 -18.21 35.87 -20.87
CA VAL A 216 -17.09 36.54 -21.49
C VAL A 216 -17.58 37.43 -22.63
N ALA A 217 -16.99 38.59 -22.77
CA ALA A 217 -17.34 39.44 -23.88
C ALA A 217 -16.11 39.58 -24.76
N GLY A 218 -14.92 39.34 -24.21
CA GLY A 218 -13.73 39.50 -25.01
C GLY A 218 -12.43 39.19 -24.29
N VAL A 219 -11.35 39.16 -25.07
CA VAL A 219 -10.03 38.84 -24.61
C VAL A 219 -9.09 40.02 -24.99
N LYS A 220 -8.19 40.46 -24.09
CA LYS A 220 -7.11 41.40 -24.44
C LYS A 220 -5.86 40.55 -24.61
N VAL A 221 -5.24 40.59 -25.79
CA VAL A 221 -3.97 39.90 -26.09
C VAL A 221 -2.78 40.91 -26.07
N LYS A 222 -1.70 40.57 -25.34
CA LYS A 222 -0.49 41.34 -25.44
C LYS A 222 0.41 40.77 -26.55
N LEU A 223 0.69 41.62 -27.52
CA LEU A 223 1.50 41.27 -28.66
C LEU A 223 3.02 41.40 -28.37
N LYS A 224 3.82 40.84 -29.28
CA LYS A 224 5.27 40.86 -29.17
C LYS A 224 5.88 42.25 -28.88
N ASP A 225 5.33 43.29 -29.52
CA ASP A 225 5.78 44.70 -29.33
C ASP A 225 5.19 45.35 -28.10
N GLY A 226 4.46 44.59 -27.28
CA GLY A 226 3.93 45.18 -26.04
C GLY A 226 2.59 45.86 -26.15
N SER A 227 2.03 45.93 -27.37
CA SER A 227 0.69 46.47 -27.54
C SER A 227 -0.45 45.45 -27.22
N ILE A 228 -1.66 45.97 -26.99
CA ILE A 228 -2.83 45.22 -26.72
C ILE A 228 -3.75 45.12 -27.95
N ARG A 229 -4.23 43.91 -28.22
CA ARG A 229 -5.25 43.65 -29.22
C ARG A 229 -6.53 43.05 -28.59
N ASP A 230 -7.66 43.72 -28.89
CA ASP A 230 -8.91 43.37 -28.30
C ASP A 230 -9.67 42.44 -29.20
N LEU A 231 -9.82 41.18 -28.77
CA LEU A 231 -10.54 40.14 -29.52
C LEU A 231 -11.92 40.13 -29.00
N ASN A 232 -12.86 40.41 -29.88
CA ASN A 232 -14.24 40.48 -29.51
C ASN A 232 -14.78 39.10 -29.69
N VAL A 233 -14.76 38.28 -28.62
CA VAL A 233 -15.11 36.84 -28.76
C VAL A 233 -15.80 36.38 -27.52
N PRO A 234 -16.79 35.49 -27.66
CA PRO A 234 -17.54 35.02 -26.46
C PRO A 234 -16.92 33.83 -25.72
N GLY A 235 -15.79 33.32 -26.21
CA GLY A 235 -15.24 32.10 -25.63
C GLY A 235 -13.74 32.11 -25.76
N ILE A 236 -13.05 31.61 -24.76
CA ILE A 236 -11.64 31.26 -24.91
C ILE A 236 -11.42 29.89 -24.24
N PHE A 237 -10.63 29.04 -24.92
CA PHE A 237 -10.27 27.71 -24.51
C PHE A 237 -8.78 27.72 -24.22
N THR A 238 -8.35 27.16 -23.10
CA THR A 238 -6.93 27.23 -22.74
C THR A 238 -6.30 25.83 -22.71
N PHE A 239 -5.08 25.68 -23.23
CA PHE A 239 -4.45 24.42 -23.26
C PHE A 239 -2.99 24.64 -23.09
N VAL A 240 -2.64 25.02 -21.86
CA VAL A 240 -1.30 25.45 -21.51
C VAL A 240 -0.62 24.47 -20.62
N GLY A 241 -1.10 23.22 -20.62
CA GLY A 241 -0.51 22.17 -19.78
C GLY A 241 -1.35 21.74 -18.60
N LEU A 242 -0.84 20.76 -17.86
CA LEU A 242 -1.56 20.23 -16.71
C LEU A 242 -0.65 19.99 -15.57
N ASN A 243 -1.23 20.00 -14.36
CA ASN A 243 -0.55 19.64 -13.10
C ASN A 243 -0.95 18.25 -12.63
N VAL A 244 -0.08 17.55 -11.92
CA VAL A 244 -0.46 16.25 -11.33
C VAL A 244 -1.47 16.36 -10.20
N ARG A 245 -2.43 15.45 -10.16
CA ARG A 245 -3.36 15.44 -9.02
C ARG A 245 -2.76 14.54 -7.93
N ASN A 246 -2.05 15.14 -6.98
CA ASN A 246 -1.48 14.40 -5.90
C ASN A 246 -2.03 14.72 -4.53
N GLU A 247 -3.18 15.42 -4.46
CA GLU A 247 -3.85 15.75 -3.18
C GLU A 247 -3.99 14.55 -2.21
N ILE A 248 -4.43 13.41 -2.72
CA ILE A 248 -4.73 12.26 -1.86
C ILE A 248 -3.51 11.64 -1.12
N LEU A 249 -2.28 11.96 -1.54
CA LEU A 249 -1.11 11.50 -0.80
C LEU A 249 -0.69 12.41 0.38
N LYS A 250 -1.32 13.55 0.49
CA LYS A 250 -0.98 14.47 1.53
C LYS A 250 -1.56 13.98 2.85
N GLN A 251 -0.71 13.81 3.87
CA GLN A 251 -1.17 13.42 5.19
C GLN A 251 -1.67 14.63 6.00
N ASP A 252 -2.15 14.39 7.22
CA ASP A 252 -2.67 15.47 8.08
C ASP A 252 -1.62 16.44 8.66
N ASP A 253 -0.37 15.96 8.82
CA ASP A 253 0.78 16.80 9.16
C ASP A 253 1.33 17.51 7.93
N SER A 254 0.58 17.49 6.83
CA SER A 254 0.95 18.21 5.61
C SER A 254 2.14 17.62 4.84
N LYS A 255 2.64 16.48 5.31
CA LYS A 255 3.73 15.78 4.62
CA LYS A 255 3.72 15.78 4.62
C LYS A 255 3.13 14.80 3.59
N PHE A 256 3.94 14.40 2.61
CA PHE A 256 3.48 13.40 1.65
C PHE A 256 3.80 11.98 2.09
N LEU A 257 2.90 11.08 1.74
CA LEU A 257 2.99 9.69 2.14
C LEU A 257 4.25 9.02 1.68
N CYS A 258 4.76 9.39 0.52
CA CYS A 258 6.01 8.79 0.02
C CYS A 258 6.87 9.89 -0.58
N ASN A 259 8.03 9.53 -1.13
CA ASN A 259 8.93 10.51 -1.72
C ASN A 259 8.36 11.12 -2.99
N GLU A 261 8.66 14.22 -6.18
CA GLU A 261 9.59 14.94 -7.06
C GLU A 261 9.33 16.41 -6.91
N GLU A 262 10.27 17.22 -7.40
CA GLU A 262 10.16 18.67 -7.33
C GLU A 262 8.88 19.17 -7.95
N GLY A 263 8.52 18.62 -9.10
CA GLY A 263 7.28 19.07 -9.74
C GLY A 263 6.00 18.36 -9.30
N GLY A 264 6.01 17.70 -8.15
CA GLY A 264 4.78 17.09 -7.64
C GLY A 264 4.55 15.64 -8.04
N GLN A 265 5.38 15.11 -8.92
CA GLN A 265 5.26 13.73 -9.30
C GLN A 265 5.65 12.84 -8.11
N VAL A 266 5.12 11.62 -8.13
CA VAL A 266 5.43 10.64 -7.18
C VAL A 266 6.72 9.92 -7.65
N SER A 267 7.72 9.79 -6.76
CA SER A 267 8.97 9.12 -7.14
C SER A 267 8.75 7.63 -7.27
N VAL A 268 9.27 7.04 -8.36
CA VAL A 268 9.14 5.62 -8.54
C VAL A 268 10.37 5.10 -9.20
N ASP A 269 10.57 3.79 -9.17
CA ASP A 269 11.58 3.16 -10.01
C ASP A 269 10.90 2.60 -11.25
N LEU A 270 11.64 1.82 -12.04
CA LEU A 270 11.14 1.23 -13.26
C LEU A 270 9.93 0.32 -13.09
N LYS A 271 9.87 -0.37 -11.94
CA LYS A 271 8.74 -1.22 -11.61
C LYS A 271 7.58 -0.43 -10.95
N GLN A 273 7.32 1.14 -8.35
CA GLN A 273 7.45 1.09 -6.92
C GLN A 273 7.79 2.46 -6.38
N THR A 274 7.00 2.92 -5.40
CA THR A 274 7.29 4.14 -4.66
C THR A 274 8.16 3.79 -3.44
N SER A 275 8.53 4.75 -2.59
CA SER A 275 9.37 4.47 -1.41
C SER A 275 8.65 3.70 -0.29
N VAL A 276 7.35 3.47 -0.46
CA VAL A 276 6.52 2.85 0.58
C VAL A 276 6.10 1.53 0.05
N ALA A 277 6.35 0.47 0.79
CA ALA A 277 5.99 -0.88 0.38
C ALA A 277 4.47 -0.97 0.12
N GLY A 278 4.10 -1.65 -0.96
CA GLY A 278 2.72 -1.80 -1.40
C GLY A 278 2.01 -0.60 -2.03
N LEU A 279 2.69 0.55 -2.14
CA LEU A 279 2.16 1.70 -2.83
C LEU A 279 2.86 1.86 -4.17
N PHE A 280 2.11 1.76 -5.27
CA PHE A 280 2.62 1.98 -6.60
C PHE A 280 2.00 3.20 -7.25
N ALA A 281 2.66 3.72 -8.26
CA ALA A 281 2.10 4.83 -9.04
C ALA A 281 2.30 4.65 -10.52
N ALA A 282 1.30 5.11 -11.29
CA ALA A 282 1.42 4.94 -12.76
C ALA A 282 0.81 6.13 -13.49
N GLY A 283 1.28 6.33 -14.71
CA GLY A 283 0.71 7.36 -15.58
C GLY A 283 1.30 8.75 -15.35
N ASP A 284 0.49 9.81 -15.50
CA ASP A 284 1.09 11.13 -15.44
C ASP A 284 1.59 11.42 -14.03
N LEU A 285 1.10 10.70 -13.03
CA LEU A 285 1.46 11.05 -11.62
C LEU A 285 2.88 10.64 -11.26
N ARG A 286 3.47 9.67 -11.98
CA ARG A 286 4.77 9.18 -11.64
C ARG A 286 5.93 10.01 -12.22
N LYS A 287 7.06 10.01 -11.52
CA LYS A 287 8.29 10.66 -11.92
C LYS A 287 8.59 10.60 -13.43
N ASP A 288 8.79 11.75 -14.07
CA ASP A 288 9.30 11.75 -15.45
C ASP A 288 8.28 11.27 -16.49
N ALA A 289 7.00 11.33 -16.11
CA ALA A 289 5.94 10.85 -16.96
C ALA A 289 5.98 11.57 -18.33
N PRO A 290 5.89 10.81 -19.43
CA PRO A 290 5.97 11.46 -20.78
C PRO A 290 4.66 12.09 -21.16
N LYS A 291 3.62 11.72 -20.43
CA LYS A 291 2.30 12.31 -20.65
CA LYS A 291 2.28 12.28 -20.61
C LYS A 291 1.64 11.81 -21.92
N GLN A 292 1.59 10.50 -22.10
CA GLN A 292 1.00 9.89 -23.30
C GLN A 292 0.11 8.75 -22.88
N VAL A 293 -0.91 8.47 -23.67
CA VAL A 293 -1.83 7.36 -23.33
C VAL A 293 -1.19 6.00 -23.34
N ILE A 294 -0.35 5.72 -24.38
CA ILE A 294 0.28 4.40 -24.50
C ILE A 294 1.21 4.12 -23.31
N CYS A 295 1.86 5.19 -22.84
CA CYS A 295 2.79 5.12 -21.75
C CYS A 295 2.06 4.93 -20.42
N ALA A 296 0.93 5.65 -20.20
CA ALA A 296 0.17 5.47 -18.97
C ALA A 296 -0.36 4.01 -18.87
N ALA A 297 -0.73 3.42 -20.01
CA ALA A 297 -1.11 1.99 -20.11
C ALA A 297 0.03 1.06 -19.79
N GLY A 298 1.19 1.27 -20.42
CA GLY A 298 2.39 0.47 -20.10
C GLY A 298 2.65 0.47 -18.58
N ASP A 299 2.59 1.67 -17.97
CA ASP A 299 2.97 1.89 -16.56
C ASP A 299 2.01 1.09 -15.68
N GLY A 300 0.74 1.10 -16.10
CA GLY A 300 -0.35 0.53 -15.27
C GLY A 300 -0.19 -0.96 -15.23
N ALA A 301 0.30 -1.53 -16.33
CA ALA A 301 0.52 -2.94 -16.43
C ALA A 301 1.73 -3.29 -15.56
N VAL A 302 2.78 -2.46 -15.62
CA VAL A 302 3.97 -2.64 -14.76
C VAL A 302 3.57 -2.63 -13.27
N ALA A 303 2.83 -1.60 -12.88
CA ALA A 303 2.39 -1.47 -11.52
C ALA A 303 1.64 -2.69 -11.11
N ALA A 304 0.71 -3.16 -11.94
CA ALA A 304 -0.10 -4.34 -11.53
C ALA A 304 0.80 -5.56 -11.40
N LEU A 305 1.71 -5.75 -12.38
CA LEU A 305 2.67 -6.83 -12.22
C LEU A 305 3.49 -6.72 -10.94
N SER A 306 3.91 -5.50 -10.54
CA SER A 306 4.60 -5.34 -9.25
C SER A 306 3.66 -5.46 -8.09
N ALA A 307 2.36 -5.17 -8.27
CA ALA A 307 1.51 -5.27 -7.08
C ALA A 307 1.20 -6.76 -6.82
N ALA A 309 3.33 -9.33 -7.52
CA ALA A 309 4.51 -9.97 -6.92
C ALA A 309 4.64 -9.63 -5.43
N TYR A 310 4.42 -8.36 -5.13
CA TYR A 310 4.37 -7.94 -3.75
C TYR A 310 3.32 -8.71 -2.94
N ILE A 311 2.14 -8.92 -3.52
CA ILE A 311 1.09 -9.59 -2.77
C ILE A 311 1.47 -11.08 -2.55
N GLU A 312 1.99 -11.73 -3.60
CA GLU A 312 2.45 -13.09 -3.46
CA GLU A 312 2.49 -13.09 -3.50
C GLU A 312 3.55 -13.20 -2.41
N SER A 313 4.22 -12.08 -2.12
CA SER A 313 5.36 -12.16 -1.22
C SER A 313 4.97 -12.20 0.25
N LEU A 314 3.78 -11.73 0.58
CA LEU A 314 3.42 -11.70 2.00
C LEU A 314 2.67 -12.94 2.59
N ASN B 2 23.80 2.77 41.39
CA ASN B 2 24.68 2.04 40.41
C ASN B 2 24.77 0.51 40.69
N ALA B 3 23.58 -0.06 40.85
CA ALA B 3 23.29 -1.47 40.79
C ALA B 3 22.40 -1.52 39.55
N LEU B 5 21.73 -3.02 35.84
CA LEU B 5 21.92 -4.31 35.28
C LEU B 5 23.01 -4.15 34.24
N ASP B 6 23.80 -5.20 34.05
CA ASP B 6 24.69 -5.28 32.92
C ASP B 6 23.88 -5.29 31.64
N VAL B 7 22.84 -6.11 31.62
CA VAL B 7 22.04 -6.24 30.44
C VAL B 7 20.60 -6.49 30.83
N ALA B 8 19.71 -5.70 30.24
CA ALA B 8 18.27 -5.95 30.27
C ALA B 8 17.86 -6.58 28.96
N ILE B 9 17.31 -7.79 29.06
CA ILE B 9 16.82 -8.49 27.89
C ILE B 9 15.32 -8.45 28.00
N ILE B 10 14.68 -7.98 26.94
CA ILE B 10 13.25 -7.78 26.90
C ILE B 10 12.58 -8.79 26.00
N GLY B 11 11.85 -9.71 26.61
CA GLY B 11 11.26 -10.81 25.87
C GLY B 11 11.99 -12.08 26.24
N GLY B 12 11.23 -13.17 26.51
CA GLY B 12 11.87 -14.45 26.84
C GLY B 12 11.46 -15.60 25.94
N GLY B 13 11.42 -15.35 24.65
CA GLY B 13 11.34 -16.48 23.77
C GLY B 13 12.74 -16.99 23.48
N PRO B 14 12.88 -17.73 22.35
CA PRO B 14 14.14 -18.36 21.98
C PRO B 14 15.22 -17.32 21.90
N ALA B 15 15.00 -16.19 21.23
CA ALA B 15 16.04 -15.16 21.22
C ALA B 15 16.46 -14.69 22.63
N GLY B 16 15.51 -14.31 23.48
CA GLY B 16 15.83 -13.77 24.82
C GLY B 16 16.49 -14.79 25.76
N LEU B 17 15.94 -16.00 25.81
CA LEU B 17 16.56 -17.11 26.55
C LEU B 17 17.97 -17.41 26.07
N SER B 18 18.17 -17.36 24.77
CA SER B 18 19.50 -17.67 24.23
C SER B 18 20.46 -16.53 24.60
N ALA B 19 20.06 -15.27 24.41
CA ALA B 19 20.95 -14.18 24.81
C ALA B 19 21.25 -14.25 26.31
N GLY B 20 20.28 -14.70 27.10
CA GLY B 20 20.49 -14.77 28.53
C GLY B 20 21.49 -15.84 28.88
N LEU B 21 21.40 -16.99 28.24
CA LEU B 21 22.41 -18.00 28.48
C LEU B 21 23.80 -17.44 28.16
N TYR B 22 23.92 -16.79 27.02
CA TYR B 22 25.23 -16.42 26.57
C TYR B 22 25.84 -15.32 27.42
N ALA B 23 25.00 -14.37 27.86
CA ALA B 23 25.48 -13.22 28.61
C ALA B 23 25.99 -13.66 29.96
N THR B 24 25.29 -14.60 30.59
CA THR B 24 25.59 -15.03 31.97
C THR B 24 26.68 -16.13 31.99
N ARG B 25 26.57 -17.12 31.14
CA ARG B 25 27.72 -18.01 30.98
C ARG B 25 29.00 -17.22 30.70
N GLY B 26 28.87 -16.14 29.92
CA GLY B 26 30.07 -15.46 29.46
C GLY B 26 30.72 -14.60 30.53
N GLY B 27 29.95 -14.33 31.59
CA GLY B 27 30.45 -13.62 32.75
C GLY B 27 29.67 -12.45 33.32
N LEU B 28 28.67 -11.93 32.61
CA LEU B 28 27.91 -10.81 33.18
C LEU B 28 27.14 -11.30 34.39
N LYS B 29 27.18 -10.49 35.43
CA LYS B 29 26.81 -10.86 36.78
CA LYS B 29 26.76 -10.96 36.76
C LYS B 29 25.33 -10.56 37.11
N ASN B 30 24.80 -9.51 36.47
CA ASN B 30 23.40 -9.10 36.69
CA ASN B 30 23.44 -9.06 36.70
C ASN B 30 22.66 -8.88 35.37
N VAL B 31 21.92 -9.89 34.97
CA VAL B 31 21.30 -9.92 33.68
C VAL B 31 19.88 -10.37 33.90
N VAL B 32 18.93 -9.56 33.48
CA VAL B 32 17.51 -9.85 33.71
C VAL B 32 16.73 -9.94 32.42
N PHE B 34 13.12 -9.84 31.04
CA PHE B 34 11.79 -9.37 31.38
C PHE B 34 10.83 -9.96 30.38
N GLU B 35 9.96 -10.82 30.88
CA GLU B 35 9.06 -11.59 30.05
C GLU B 35 7.71 -11.59 30.77
N LYS B 36 6.67 -11.15 30.06
CA LYS B 36 5.37 -10.87 30.65
C LYS B 36 4.70 -12.11 31.23
N GLY B 37 4.92 -13.26 30.61
CA GLY B 37 4.40 -14.52 31.11
C GLY B 37 5.53 -15.48 31.45
N PRO B 39 8.55 -17.99 30.15
CA PRO B 39 9.43 -17.96 28.99
C PRO B 39 9.03 -19.03 28.00
N GLY B 40 9.45 -18.86 26.76
CA GLY B 40 9.07 -19.80 25.71
C GLY B 40 8.63 -19.06 24.46
N GLY B 41 7.79 -18.03 24.59
CA GLY B 41 7.39 -17.23 23.43
C GLY B 41 6.44 -17.88 22.42
N GLN B 42 6.44 -17.37 21.19
CA GLN B 42 5.47 -17.80 20.18
C GLN B 42 5.32 -19.30 20.00
N ILE B 43 6.45 -20.03 19.99
CA ILE B 43 6.46 -21.45 19.64
C ILE B 43 5.72 -22.30 20.71
N THR B 44 5.61 -21.79 21.93
CA THR B 44 4.86 -22.54 22.94
C THR B 44 3.41 -22.70 22.55
N SER B 45 2.94 -21.86 21.66
CA SER B 45 1.62 -22.07 21.12
C SER B 45 1.58 -23.00 19.86
N SER B 46 2.72 -23.48 19.38
CA SER B 46 2.75 -24.40 18.22
C SER B 46 2.46 -25.82 18.63
N SER B 47 1.74 -26.54 17.78
CA SER B 47 1.41 -27.91 18.08
C SER B 47 2.56 -28.83 17.80
N GLU B 48 3.58 -28.36 17.07
CA GLU B 48 4.59 -29.30 16.60
C GLU B 48 5.80 -28.64 16.02
N ILE B 49 6.97 -29.00 16.49
CA ILE B 49 8.16 -28.51 15.85
C ILE B 49 9.07 -29.70 15.66
N GLU B 50 9.70 -29.79 14.49
CA GLU B 50 10.56 -30.90 14.08
C GLU B 50 11.81 -30.41 13.39
N ASN B 51 11.92 -29.10 13.16
CA ASN B 51 12.98 -28.52 12.34
C ASN B 51 14.04 -27.73 13.09
N TYR B 52 14.21 -28.01 14.38
CA TYR B 52 15.24 -27.35 15.18
C TYR B 52 16.42 -28.28 15.20
N PRO B 53 17.47 -27.91 14.50
CA PRO B 53 18.58 -28.82 14.28
C PRO B 53 19.18 -29.21 15.63
N GLY B 54 19.35 -30.51 15.82
CA GLY B 54 19.93 -30.95 17.08
C GLY B 54 18.89 -31.50 18.01
N VAL B 55 17.60 -31.23 17.76
CA VAL B 55 16.58 -31.81 18.56
C VAL B 55 15.79 -32.70 17.62
N ALA B 56 16.15 -33.99 17.63
CA ALA B 56 15.66 -35.00 16.71
C ALA B 56 14.26 -35.48 17.08
N GLN B 57 13.88 -35.26 18.35
CA GLN B 57 12.50 -35.56 18.79
C GLN B 57 11.48 -34.59 18.30
N VAL B 58 10.53 -35.05 17.50
CA VAL B 58 9.41 -34.21 17.11
C VAL B 58 8.51 -33.99 18.33
N ASP B 60 5.45 -31.03 20.51
CA ASP B 60 4.73 -29.79 20.59
C ASP B 60 5.61 -28.69 21.19
N GLY B 61 5.21 -27.45 20.94
CA GLY B 61 5.94 -26.30 21.37
C GLY B 61 6.23 -26.22 22.85
N ILE B 62 5.30 -26.68 23.68
CA ILE B 62 5.49 -26.50 25.12
C ILE B 62 6.56 -27.47 25.64
N SER B 63 6.55 -28.70 25.16
CA SER B 63 7.57 -29.64 25.58
C SER B 63 8.94 -29.24 25.04
N PHE B 64 8.96 -28.71 23.80
CA PHE B 64 10.19 -28.20 23.18
C PHE B 64 10.83 -27.09 24.05
N ALA B 66 10.14 -26.41 27.34
CA ALA B 66 10.23 -26.71 28.78
C ALA B 66 11.68 -26.78 29.30
N PRO B 67 12.58 -27.51 28.61
CA PRO B 67 13.91 -27.58 29.22
C PRO B 67 14.74 -26.28 29.12
N TRP B 68 14.34 -25.31 28.26
CA TRP B 68 15.17 -24.10 28.03
C TRP B 68 15.33 -23.27 29.31
N SER B 69 14.30 -23.14 30.15
CA SER B 69 14.47 -22.40 31.39
C SER B 69 15.60 -22.94 32.27
N GLU B 70 15.56 -24.21 32.67
CA GLU B 70 16.66 -24.72 33.48
C GLU B 70 18.00 -24.47 32.80
N GLN B 71 18.09 -24.74 31.49
CA GLN B 71 19.38 -24.60 30.78
C GLN B 71 19.86 -23.15 30.76
N CYS B 72 18.97 -22.23 30.43
CA CYS B 72 19.38 -20.88 30.18
C CYS B 72 19.60 -20.10 31.47
N ARG B 74 21.20 -21.46 34.24
CA ARG B 74 22.27 -22.14 35.05
C ARG B 74 23.36 -21.24 35.54
N PHE B 75 23.57 -20.16 34.81
CA PHE B 75 24.63 -19.23 35.13
C PHE B 75 24.10 -17.94 35.79
N GLY B 76 22.89 -17.99 36.36
CA GLY B 76 22.37 -16.86 37.15
C GLY B 76 21.40 -15.86 36.51
N LEU B 77 20.96 -16.15 35.28
CA LEU B 77 19.96 -15.34 34.58
C LEU B 77 18.73 -15.18 35.43
N LYS B 78 18.20 -13.97 35.53
CA LYS B 78 16.97 -13.73 36.30
C LYS B 78 15.79 -13.50 35.37
N HIS B 79 14.67 -14.14 35.68
CA HIS B 79 13.42 -13.87 35.00
C HIS B 79 12.60 -12.94 35.86
N GLU B 80 12.25 -11.78 35.29
CA GLU B 80 11.36 -10.85 35.96
C GLU B 80 10.06 -10.89 35.19
N VAL B 82 6.92 -9.53 34.26
CA VAL B 82 6.37 -8.19 34.32
C VAL B 82 6.48 -7.65 32.91
N GLY B 83 5.59 -6.70 32.60
CA GLY B 83 5.58 -6.08 31.29
C GLY B 83 6.43 -4.82 31.19
N VAL B 84 7.14 -4.70 30.08
CA VAL B 84 7.99 -3.57 29.81
C VAL B 84 7.18 -2.60 28.94
N GLU B 85 7.14 -1.31 29.31
CA GLU B 85 6.36 -0.30 28.57
C GLU B 85 7.24 0.43 27.57
N GLN B 86 8.44 0.78 27.99
CA GLN B 86 9.26 1.67 27.21
C GLN B 86 10.74 1.52 27.55
N ILE B 87 11.59 1.56 26.53
CA ILE B 87 13.03 1.69 26.68
C ILE B 87 13.41 3.15 26.39
N LEU B 88 14.28 3.73 27.21
CA LEU B 88 14.82 5.08 26.98
C LEU B 88 16.34 5.06 26.95
N LYS B 89 16.92 5.98 26.19
CA LYS B 89 18.36 6.21 26.21
C LYS B 89 18.68 7.46 27.04
N ASN B 90 19.33 7.29 28.18
CA ASN B 90 19.61 8.39 29.09
C ASN B 90 20.78 9.31 28.70
N SER B 91 20.83 10.45 29.38
CA SER B 91 21.90 11.42 29.20
C SER B 91 23.27 10.77 29.16
N ASP B 92 23.58 9.97 30.18
CA ASP B 92 24.95 9.46 30.38
C ASP B 92 25.29 8.27 29.49
N GLY B 93 24.28 7.73 28.80
CA GLY B 93 24.51 6.63 27.86
C GLY B 93 23.98 5.30 28.34
N SER B 94 23.56 5.23 29.60
CA SER B 94 22.89 4.06 30.12
C SER B 94 21.43 4.09 29.65
N PHE B 95 20.70 3.02 29.96
CA PHE B 95 19.33 2.92 29.57
C PHE B 95 18.40 2.91 30.78
N THR B 96 17.19 3.42 30.56
CA THR B 96 16.09 3.19 31.46
C THR B 96 15.09 2.25 30.81
N ILE B 97 14.65 1.27 31.61
CA ILE B 97 13.56 0.39 31.25
C ILE B 97 12.34 0.73 32.11
N LYS B 98 11.23 1.09 31.47
CA LYS B 98 9.99 1.44 32.21
C LYS B 98 9.06 0.25 32.27
N LEU B 99 8.57 -0.05 33.46
CA LEU B 99 7.78 -1.25 33.67
C LEU B 99 6.32 -0.87 33.87
N GLU B 100 5.44 -1.80 33.47
CA GLU B 100 4.02 -1.68 33.66
C GLU B 100 3.76 -1.49 35.15
N GLY B 101 3.03 -0.44 35.49
CA GLY B 101 2.79 -0.15 36.90
C GLY B 101 3.91 0.69 37.49
N GLY B 102 4.52 1.53 36.67
CA GLY B 102 5.41 2.59 37.19
C GLY B 102 6.87 2.31 37.53
N LYS B 103 7.20 1.10 38.03
CA LYS B 103 8.60 0.77 38.39
C LYS B 103 9.59 1.02 37.23
N THR B 104 10.83 1.30 37.57
CA THR B 104 11.81 1.73 36.61
C THR B 104 13.06 0.93 36.86
N GLU B 105 13.81 0.63 35.81
CA GLU B 105 15.10 -0.01 36.01
C GLU B 105 16.18 0.51 35.06
N LEU B 106 17.43 0.45 35.52
CA LEU B 106 18.55 0.99 34.80
C LEU B 106 19.44 -0.14 34.29
N ALA B 107 19.98 0.03 33.08
CA ALA B 107 20.86 -0.97 32.55
C ALA B 107 21.86 -0.39 31.56
N LYS B 108 23.02 -1.05 31.49
CA LYS B 108 24.14 -0.64 30.67
C LYS B 108 23.88 -0.90 29.20
N ALA B 109 23.30 -2.05 28.93
CA ALA B 109 22.97 -2.47 27.59
C ALA B 109 21.55 -3.06 27.61
N VAL B 110 20.88 -3.00 26.47
CA VAL B 110 19.57 -3.59 26.29
C VAL B 110 19.50 -4.46 25.05
N ILE B 111 18.93 -5.67 25.20
CA ILE B 111 18.66 -6.52 24.03
C ILE B 111 17.17 -6.69 23.87
N VAL B 112 16.69 -6.34 22.69
CA VAL B 112 15.24 -6.29 22.46
C VAL B 112 14.85 -7.46 21.58
N CYS B 113 13.99 -8.30 22.12
CA CYS B 113 13.54 -9.46 21.41
C CYS B 113 12.11 -9.74 21.73
N THR B 114 11.25 -8.78 21.44
CA THR B 114 9.89 -8.89 21.84
C THR B 114 9.11 -9.69 20.82
N GLY B 115 9.74 -10.15 19.77
CA GLY B 115 9.05 -11.06 18.89
C GLY B 115 7.99 -10.39 18.02
N SER B 116 6.92 -11.14 17.72
CA SER B 116 5.84 -10.62 16.90
C SER B 116 4.50 -11.16 17.31
N ALA B 117 3.44 -10.47 16.88
CA ALA B 117 2.05 -10.81 17.23
C ALA B 117 1.18 -11.13 15.99
N PRO B 118 0.12 -11.94 16.13
CA PRO B 118 -0.79 -12.21 14.95
C PRO B 118 -1.26 -10.97 14.20
N LYS B 119 -1.22 -11.02 12.88
CA LYS B 119 -1.73 -9.94 12.03
C LYS B 119 -3.21 -10.16 11.78
N LYS B 120 -4.02 -9.09 11.75
CA LYS B 120 -5.42 -9.20 11.30
C LYS B 120 -5.57 -9.60 9.84
N ALA B 121 -6.54 -10.48 9.55
CA ALA B 121 -6.84 -10.83 8.16
C ALA B 121 -7.64 -9.76 7.45
N GLY B 122 -8.35 -8.93 8.20
CA GLY B 122 -9.21 -7.89 7.61
C GLY B 122 -10.56 -8.34 7.02
N PHE B 123 -11.35 -9.11 7.75
CA PHE B 123 -12.72 -9.33 7.30
C PHE B 123 -13.72 -8.76 8.32
N LYS B 124 -14.96 -8.62 7.91
CA LYS B 124 -15.99 -8.04 8.76
C LYS B 124 -16.19 -8.96 9.98
N GLY B 125 -16.18 -8.32 11.17
CA GLY B 125 -16.49 -8.98 12.45
C GLY B 125 -15.30 -9.54 13.21
N GLU B 126 -14.11 -9.37 12.62
CA GLU B 126 -12.92 -10.03 13.07
C GLU B 126 -12.52 -9.48 14.43
N ASP B 127 -12.59 -8.16 14.53
CA ASP B 127 -12.39 -7.46 15.80
C ASP B 127 -13.47 -7.71 16.84
N GLU B 128 -14.74 -7.79 16.43
CA GLU B 128 -15.80 -8.04 17.37
C GLU B 128 -15.78 -9.48 17.96
N PHE B 129 -15.39 -10.46 17.16
CA PHE B 129 -15.50 -11.83 17.65
C PHE B 129 -14.17 -12.38 18.16
N PHE B 130 -13.24 -11.46 18.35
CA PHE B 130 -11.96 -11.82 18.92
C PHE B 130 -12.16 -12.32 20.37
N GLY B 131 -11.59 -13.48 20.69
CA GLY B 131 -11.82 -14.07 22.01
C GLY B 131 -13.18 -14.74 22.20
N LYS B 132 -14.13 -14.49 21.29
CA LYS B 132 -15.42 -15.19 21.28
C LYS B 132 -15.66 -16.15 20.09
N GLY B 133 -14.63 -16.83 19.62
CA GLY B 133 -14.76 -17.70 18.46
C GLY B 133 -13.74 -17.39 17.35
N VAL B 134 -13.14 -16.19 17.38
CA VAL B 134 -12.04 -15.92 16.49
C VAL B 134 -10.76 -16.06 17.27
N SER B 135 -9.86 -16.91 16.78
CA SER B 135 -8.76 -17.28 17.63
C SER B 135 -7.48 -17.35 16.84
N THR B 136 -6.34 -17.09 17.49
CA THR B 136 -5.08 -17.17 16.80
C THR B 136 -4.23 -18.24 17.41
N CYS B 137 -4.81 -19.08 18.26
CA CYS B 137 -4.02 -20.17 18.85
C CYS B 137 -4.86 -21.46 19.02
N ALA B 138 -4.45 -22.51 18.31
CA ALA B 138 -5.15 -23.78 18.30
C ALA B 138 -4.98 -24.56 19.58
N THR B 139 -3.76 -24.54 20.13
CA THR B 139 -3.47 -25.30 21.32
C THR B 139 -4.15 -24.74 22.56
N CYS B 140 -4.28 -23.43 22.69
CA CYS B 140 -5.10 -22.88 23.79
C CYS B 140 -6.56 -23.24 23.61
N ASP B 141 -7.11 -23.10 22.42
CA ASP B 141 -8.57 -23.05 22.30
C ASP B 141 -9.19 -24.29 21.72
N GLY B 142 -8.34 -25.15 21.18
CA GLY B 142 -8.79 -26.34 20.49
C GLY B 142 -9.75 -27.23 21.25
N PHE B 143 -9.43 -27.51 22.52
CA PHE B 143 -10.19 -28.42 23.35
C PHE B 143 -11.67 -27.99 23.33
N PHE B 144 -11.92 -26.68 23.23
CA PHE B 144 -13.28 -26.20 23.28
C PHE B 144 -14.09 -26.65 22.07
N TYR B 145 -13.42 -27.17 21.06
CA TYR B 145 -14.11 -27.44 19.83
C TYR B 145 -14.14 -28.92 19.58
N LYS B 146 -14.04 -29.68 20.66
CA LYS B 146 -14.06 -31.13 20.54
C LYS B 146 -15.33 -31.56 19.82
N ASN B 147 -15.13 -32.36 18.76
CA ASN B 147 -16.21 -32.88 17.89
C ASN B 147 -17.04 -31.79 17.25
N LYS B 148 -16.44 -30.63 16.99
CA LYS B 148 -17.18 -29.61 16.26
C LYS B 148 -16.47 -29.27 14.97
N GLU B 149 -17.13 -28.48 14.15
CA GLU B 149 -16.52 -28.02 12.92
C GLU B 149 -15.88 -26.67 13.15
N VAL B 150 -14.67 -26.47 12.60
CA VAL B 150 -14.03 -25.16 12.66
C VAL B 150 -13.41 -24.80 11.31
N ALA B 151 -13.14 -23.51 11.15
CA ALA B 151 -12.44 -23.01 9.97
C ALA B 151 -11.04 -22.62 10.37
N VAL B 152 -10.09 -22.80 9.45
CA VAL B 152 -8.74 -22.32 9.62
C VAL B 152 -8.40 -21.48 8.39
N LEU B 153 -7.93 -20.25 8.63
CA LEU B 153 -7.60 -19.32 7.55
C LEU B 153 -6.10 -19.21 7.42
N GLY B 154 -5.56 -19.55 6.23
CA GLY B 154 -4.14 -19.32 5.95
C GLY B 154 -3.59 -20.39 5.06
N GLY B 155 -2.41 -20.18 4.49
CA GLY B 155 -1.81 -21.16 3.54
C GLY B 155 -0.35 -21.51 3.79
N GLY B 156 0.17 -21.04 4.93
CA GLY B 156 1.57 -21.22 5.35
C GLY B 156 1.73 -22.48 6.17
N ASP B 157 2.92 -22.69 6.70
CA ASP B 157 3.22 -23.89 7.46
C ASP B 157 2.38 -23.92 8.71
N THR B 158 2.23 -22.77 9.36
CA THR B 158 1.52 -22.66 10.63
C THR B 158 0.05 -23.06 10.44
N ALA B 159 -0.61 -22.48 9.45
CA ALA B 159 -1.98 -22.85 9.18
C ALA B 159 -2.14 -24.34 8.92
N LEU B 160 -1.24 -24.98 8.14
CA LEU B 160 -1.48 -26.38 7.78
C LEU B 160 -1.15 -27.22 8.99
N GLU B 161 -0.12 -26.82 9.77
CA GLU B 161 0.24 -27.58 10.97
C GLU B 161 -0.92 -27.51 11.99
N GLU B 162 -1.44 -26.30 12.18
CA GLU B 162 -2.55 -26.18 13.14
C GLU B 162 -3.86 -26.87 12.67
N ALA B 163 -4.12 -26.89 11.37
CA ALA B 163 -5.20 -27.71 10.81
C ALA B 163 -4.99 -29.19 11.10
N LEU B 164 -3.77 -29.69 10.93
CA LEU B 164 -3.52 -31.10 11.28
C LEU B 164 -3.73 -31.36 12.78
N TYR B 165 -3.37 -30.41 13.63
CA TYR B 165 -3.55 -30.59 15.04
C TYR B 165 -5.06 -30.62 15.35
N LEU B 166 -5.80 -29.67 14.77
CA LEU B 166 -7.24 -29.52 15.07
C LEU B 166 -8.05 -30.68 14.53
N ALA B 167 -7.46 -31.45 13.60
CA ALA B 167 -8.22 -32.46 12.89
C ALA B 167 -8.33 -33.70 13.75
N ASN B 168 -7.46 -33.85 14.73
CA ASN B 168 -7.63 -34.89 15.74
C ASN B 168 -8.64 -34.51 16.83
N ILE B 169 -9.10 -33.27 16.86
CA ILE B 169 -9.97 -32.86 17.96
C ILE B 169 -11.37 -32.57 17.49
N CYS B 170 -11.41 -31.83 16.38
CA CYS B 170 -12.63 -31.38 15.74
C CYS B 170 -13.23 -32.48 14.89
N SER B 171 -14.50 -32.38 14.56
CA SER B 171 -15.10 -33.35 13.66
C SER B 171 -14.80 -33.01 12.19
N LYS B 172 -14.46 -31.74 11.93
CA LYS B 172 -14.13 -31.28 10.59
C LYS B 172 -13.48 -29.88 10.58
N ILE B 173 -12.50 -29.71 9.68
CA ILE B 173 -11.83 -28.44 9.42
C ILE B 173 -12.06 -27.94 8.00
N TYR B 174 -12.56 -26.72 7.87
CA TYR B 174 -12.52 -26.01 6.59
C TYR B 174 -11.24 -25.22 6.52
N LEU B 175 -10.29 -25.70 5.69
CA LEU B 175 -9.03 -24.99 5.50
C LEU B 175 -9.13 -24.01 4.31
N ILE B 176 -9.10 -22.72 4.64
CA ILE B 176 -9.27 -21.64 3.67
C ILE B 176 -7.96 -20.94 3.31
N HIS B 177 -7.69 -20.83 1.99
CA HIS B 177 -6.52 -20.18 1.47
C HIS B 177 -6.73 -19.44 0.14
N ARG B 178 -6.12 -18.27 0.02
CA ARG B 178 -6.39 -17.45 -1.17
CA ARG B 178 -6.29 -17.39 -1.14
C ARG B 178 -5.65 -17.89 -2.45
N ARG B 179 -4.95 -19.03 -2.42
CA ARG B 179 -4.28 -19.55 -3.61
CA ARG B 179 -4.23 -19.56 -3.59
C ARG B 179 -4.54 -21.03 -3.77
N ASP B 180 -4.25 -21.55 -4.96
CA ASP B 180 -4.48 -22.96 -5.25
C ASP B 180 -3.40 -23.94 -4.77
N GLU B 181 -2.26 -23.40 -4.36
CA GLU B 181 -1.21 -24.22 -3.76
C GLU B 181 -0.66 -23.54 -2.52
N PHE B 182 -0.11 -24.34 -1.63
CA PHE B 182 0.39 -23.82 -0.41
C PHE B 182 1.88 -23.55 -0.50
N ARG B 183 2.30 -22.52 0.24
CA ARG B 183 3.68 -22.17 0.48
C ARG B 183 4.07 -22.85 1.79
N ALA B 184 4.08 -24.18 1.78
CA ALA B 184 4.48 -24.91 2.98
C ALA B 184 5.31 -26.14 2.62
N ALA B 185 5.94 -26.73 3.62
CA ALA B 185 6.69 -27.99 3.43
C ALA B 185 5.78 -29.06 2.77
N PRO B 186 6.27 -29.73 1.71
CA PRO B 186 5.53 -30.72 0.96
C PRO B 186 5.08 -31.82 1.84
N SER B 187 5.94 -32.24 2.76
CA SER B 187 5.57 -33.29 3.70
C SER B 187 4.35 -32.87 4.53
N THR B 188 4.27 -31.60 4.90
CA THR B 188 3.09 -31.13 5.62
C THR B 188 1.85 -31.12 4.68
N VAL B 189 2.05 -30.69 3.44
CA VAL B 189 0.95 -30.58 2.50
C VAL B 189 0.42 -31.98 2.19
N GLU B 190 1.31 -32.92 1.99
CA GLU B 190 0.91 -34.30 1.80
CA GLU B 190 0.91 -34.27 1.77
C GLU B 190 0.15 -34.77 3.01
N LYS B 191 0.56 -34.38 4.19
CA LYS B 191 -0.28 -34.74 5.33
C LYS B 191 -1.73 -34.21 5.21
N VAL B 192 -1.92 -32.95 4.79
CA VAL B 192 -3.29 -32.46 4.80
C VAL B 192 -4.06 -32.93 3.58
N LYS B 193 -3.38 -33.21 2.48
CA LYS B 193 -4.16 -33.64 1.33
C LYS B 193 -4.81 -34.97 1.66
N LYS B 194 -4.07 -35.84 2.35
CA LYS B 194 -4.57 -37.15 2.79
C LYS B 194 -5.60 -37.08 3.91
N ASN B 195 -5.68 -35.98 4.64
CA ASN B 195 -6.55 -36.00 5.84
C ASN B 195 -8.03 -35.89 5.48
N GLU B 196 -8.74 -37.00 5.71
CA GLU B 196 -10.17 -37.09 5.36
CA GLU B 196 -10.16 -37.13 5.40
C GLU B 196 -11.01 -36.09 6.15
N LYS B 197 -10.47 -35.55 7.24
CA LYS B 197 -11.23 -34.59 8.03
C LYS B 197 -11.06 -33.13 7.60
N ILE B 198 -10.22 -32.88 6.62
CA ILE B 198 -9.99 -31.50 6.21
C ILE B 198 -10.50 -31.26 4.80
N GLU B 199 -11.35 -30.25 4.65
CA GLU B 199 -11.80 -29.82 3.35
C GLU B 199 -11.07 -28.55 3.00
N LEU B 200 -10.41 -28.58 1.84
CA LEU B 200 -9.70 -27.45 1.25
C LEU B 200 -10.61 -26.50 0.51
N ILE B 201 -10.50 -25.22 0.82
CA ILE B 201 -11.23 -24.23 0.09
C ILE B 201 -10.20 -23.22 -0.38
N THR B 202 -9.76 -23.44 -1.59
CA THR B 202 -8.58 -22.80 -2.10
C THR B 202 -9.01 -21.79 -3.12
N SER B 203 -8.18 -20.77 -3.28
CA SER B 203 -8.46 -19.61 -4.10
C SER B 203 -9.64 -18.84 -3.54
N ALA B 204 -9.69 -18.75 -2.21
CA ALA B 204 -10.88 -18.28 -1.48
C ALA B 204 -10.46 -17.31 -0.40
N SER B 205 -11.41 -16.57 0.13
CA SER B 205 -11.09 -15.60 1.13
C SER B 205 -12.30 -15.46 2.08
N VAL B 206 -12.01 -15.13 3.33
CA VAL B 206 -13.07 -14.91 4.28
C VAL B 206 -13.62 -13.54 4.05
N ASP B 207 -14.92 -13.53 3.82
CA ASP B 207 -15.71 -12.31 3.73
C ASP B 207 -16.13 -11.72 5.11
N GLU B 208 -16.57 -12.60 6.01
CA GLU B 208 -17.30 -12.16 7.21
C GLU B 208 -17.40 -13.25 8.27
N VAL B 209 -17.18 -12.86 9.51
CA VAL B 209 -17.58 -13.71 10.62
C VAL B 209 -18.79 -13.08 11.31
N TYR B 210 -19.78 -13.90 11.63
CA TYR B 210 -21.01 -13.39 12.22
C TYR B 210 -21.34 -14.27 13.41
N GLY B 211 -22.26 -13.79 14.24
CA GLY B 211 -22.80 -14.51 15.39
C GLY B 211 -23.47 -13.49 16.29
N ASP B 212 -23.40 -13.71 17.59
CA ASP B 212 -23.95 -12.78 18.56
C ASP B 212 -23.12 -12.67 19.84
N LYS B 213 -23.81 -12.44 20.94
CA LYS B 213 -23.20 -12.25 22.22
C LYS B 213 -22.61 -13.54 22.78
N GLY B 215 -21.11 -15.63 20.96
CA GLY B 215 -19.95 -15.87 20.12
C GLY B 215 -20.29 -16.20 18.66
N VAL B 216 -19.26 -16.61 17.93
CA VAL B 216 -19.33 -16.90 16.53
C VAL B 216 -20.38 -17.96 16.20
N ALA B 217 -21.15 -17.72 15.15
CA ALA B 217 -22.14 -18.68 14.68
C ALA B 217 -21.78 -19.22 13.32
N GLY B 218 -21.10 -18.40 12.52
CA GLY B 218 -20.65 -18.85 11.21
C GLY B 218 -19.62 -18.00 10.50
N VAL B 219 -19.15 -18.55 9.38
CA VAL B 219 -18.16 -17.86 8.52
C VAL B 219 -18.63 -17.78 7.06
N LYS B 220 -18.67 -16.59 6.50
CA LYS B 220 -18.93 -16.39 5.05
C LYS B 220 -17.65 -16.39 4.20
N VAL B 221 -17.46 -17.40 3.35
CA VAL B 221 -16.25 -17.52 2.50
C VAL B 221 -16.58 -17.04 1.07
N LYS B 222 -15.84 -16.04 0.58
CA LYS B 222 -15.97 -15.63 -0.82
C LYS B 222 -15.18 -16.62 -1.66
N LEU B 223 -15.87 -17.42 -2.48
CA LEU B 223 -15.24 -18.42 -3.35
C LEU B 223 -14.58 -17.86 -4.60
N LYS B 224 -13.75 -18.70 -5.21
CA LYS B 224 -13.06 -18.44 -6.49
C LYS B 224 -13.91 -17.78 -7.60
N ASP B 225 -15.13 -18.25 -7.76
CA ASP B 225 -16.06 -17.76 -8.76
C ASP B 225 -16.90 -16.59 -8.20
N GLY B 226 -16.53 -16.04 -7.05
CA GLY B 226 -17.23 -14.90 -6.48
C GLY B 226 -18.53 -15.20 -5.74
N SER B 227 -18.94 -16.45 -5.68
CA SER B 227 -20.10 -16.76 -4.88
C SER B 227 -19.68 -16.94 -3.40
N ILE B 228 -20.64 -16.77 -2.52
CA ILE B 228 -20.39 -16.81 -1.09
C ILE B 228 -20.93 -18.10 -0.51
N ARG B 229 -20.05 -18.83 0.17
CA ARG B 229 -20.43 -20.02 0.89
C ARG B 229 -20.39 -19.79 2.39
N ASP B 230 -21.48 -20.17 3.02
CA ASP B 230 -21.63 -20.11 4.42
C ASP B 230 -21.14 -21.41 5.07
N LEU B 231 -20.19 -21.24 6.01
CA LEU B 231 -19.75 -22.35 6.85
C LEU B 231 -20.41 -22.21 8.22
N ASN B 232 -21.21 -23.21 8.59
CA ASN B 232 -21.90 -23.19 9.88
C ASN B 232 -20.91 -23.60 10.98
N VAL B 233 -20.14 -22.65 11.51
CA VAL B 233 -19.07 -23.03 12.49
C VAL B 233 -18.95 -22.13 13.69
N PRO B 234 -18.57 -22.72 14.83
CA PRO B 234 -18.55 -21.76 15.94
C PRO B 234 -17.17 -21.16 16.22
N GLY B 235 -16.16 -21.54 15.45
CA GLY B 235 -14.83 -20.89 15.61
C GLY B 235 -14.05 -20.86 14.30
N ILE B 236 -13.15 -19.88 14.23
CA ILE B 236 -12.23 -19.73 13.12
C ILE B 236 -10.86 -19.38 13.70
N PHE B 237 -9.82 -20.02 13.23
CA PHE B 237 -8.47 -19.75 13.67
C PHE B 237 -7.77 -19.17 12.45
N THR B 238 -7.07 -18.07 12.62
CA THR B 238 -6.46 -17.30 11.52
C THR B 238 -4.94 -17.30 11.67
N PHE B 239 -4.23 -17.67 10.59
CA PHE B 239 -2.79 -17.74 10.62
C PHE B 239 -2.33 -17.11 9.33
N VAL B 240 -2.48 -15.79 9.29
CA VAL B 240 -2.19 -15.02 8.09
C VAL B 240 -0.97 -14.11 8.18
N GLY B 241 -0.03 -14.39 9.10
CA GLY B 241 1.14 -13.52 9.25
C GLY B 241 1.25 -12.80 10.58
N LEU B 242 2.29 -11.98 10.71
CA LEU B 242 2.69 -11.39 11.98
C LEU B 242 3.07 -9.92 11.90
N ASN B 243 2.74 -9.14 12.93
CA ASN B 243 3.29 -7.80 13.10
C ASN B 243 4.41 -7.92 14.12
N VAL B 244 5.53 -7.23 13.92
CA VAL B 244 6.54 -7.15 14.96
C VAL B 244 6.04 -6.33 16.12
N ARG B 245 6.46 -6.68 17.33
CA ARG B 245 6.20 -5.83 18.49
C ARG B 245 7.29 -4.80 18.78
N ASN B 246 7.20 -3.64 18.19
CA ASN B 246 8.21 -2.62 18.40
C ASN B 246 7.76 -1.48 19.32
N GLU B 247 6.62 -1.69 20.01
CA GLU B 247 5.97 -0.56 20.76
C GLU B 247 6.80 0.08 21.87
N ILE B 248 7.51 -0.75 22.63
CA ILE B 248 8.30 -0.29 23.77
C ILE B 248 9.41 0.68 23.33
N LEU B 249 9.66 0.72 22.01
CA LEU B 249 10.69 1.58 21.45
C LEU B 249 10.20 2.97 21.07
N LYS B 250 8.89 3.14 20.89
CA LYS B 250 8.30 4.45 20.58
C LYS B 250 8.46 5.42 21.77
N GLN B 251 9.07 6.58 21.50
CA GLN B 251 9.29 7.61 22.52
C GLN B 251 8.08 8.51 22.73
N ASP B 252 8.10 9.31 23.80
CA ASP B 252 6.95 10.17 24.09
C ASP B 252 6.72 11.16 22.95
N ASP B 253 7.83 11.66 22.39
CA ASP B 253 7.82 12.54 21.23
C ASP B 253 7.37 11.88 19.90
N SER B 254 6.98 10.60 19.94
CA SER B 254 6.39 9.91 18.78
C SER B 254 7.38 9.13 17.88
N LYS B 255 8.67 9.48 17.98
CA LYS B 255 9.70 8.84 17.15
C LYS B 255 10.06 7.44 17.68
N PHE B 256 10.90 6.73 16.95
CA PHE B 256 11.43 5.46 17.42
C PHE B 256 12.85 5.67 17.94
N LEU B 257 13.20 5.02 19.05
CA LEU B 257 14.48 5.25 19.70
C LEU B 257 15.68 5.05 18.79
N CYS B 258 15.59 4.11 17.85
CA CYS B 258 16.66 3.85 16.89
C CYS B 258 16.08 3.76 15.47
N ASN B 259 16.93 3.59 14.47
CA ASN B 259 16.45 3.34 13.09
C ASN B 259 15.57 2.08 12.94
N GLU B 261 13.24 -0.34 10.09
CA GLU B 261 12.93 -0.67 8.72
C GLU B 261 11.49 -0.26 8.48
N GLU B 262 11.10 -0.25 7.21
CA GLU B 262 9.83 0.24 6.77
C GLU B 262 8.67 -0.66 7.28
N GLY B 263 8.92 -1.96 7.40
CA GLY B 263 7.92 -2.88 7.92
C GLY B 263 7.85 -2.98 9.44
N GLY B 264 8.50 -2.04 10.14
CA GLY B 264 8.48 -2.00 11.61
C GLY B 264 9.61 -2.73 12.34
N GLN B 265 10.42 -3.52 11.62
CA GLN B 265 11.61 -4.19 12.17
C GLN B 265 12.67 -3.18 12.62
N VAL B 266 13.41 -3.51 13.67
CA VAL B 266 14.54 -2.73 14.10
C VAL B 266 15.76 -2.98 13.16
N SER B 267 16.41 -1.89 12.73
CA SER B 267 17.60 -1.94 11.88
C SER B 267 18.85 -2.52 12.61
N VAL B 268 19.42 -3.59 12.08
CA VAL B 268 20.62 -4.13 12.68
C VAL B 268 21.57 -4.49 11.58
N ASP B 269 22.85 -4.56 11.96
CA ASP B 269 23.89 -5.16 11.14
C ASP B 269 24.03 -6.61 11.57
N LEU B 270 25.11 -7.28 11.12
CA LEU B 270 25.25 -8.68 11.27
C LEU B 270 25.49 -9.02 12.71
N LYS B 271 26.02 -8.07 13.47
CA LYS B 271 26.32 -8.29 14.89
C LYS B 271 25.15 -7.90 15.79
N GLN B 273 23.61 -5.10 16.11
CA GLN B 273 23.80 -3.76 16.70
C GLN B 273 22.83 -2.77 16.09
N THR B 274 22.19 -1.95 16.92
CA THR B 274 21.32 -0.96 16.35
C THR B 274 22.16 0.30 16.03
N SER B 275 21.46 1.40 15.75
CA SER B 275 22.12 2.65 15.46
C SER B 275 22.38 3.39 16.75
N VAL B 276 22.08 2.74 17.88
CA VAL B 276 22.17 3.36 19.19
C VAL B 276 23.09 2.50 20.04
N ALA B 277 24.13 3.13 20.54
CA ALA B 277 25.16 2.39 21.26
C ALA B 277 24.52 1.71 22.49
N GLY B 278 24.80 0.43 22.70
CA GLY B 278 24.28 -0.23 23.88
C GLY B 278 22.93 -0.89 23.69
N LEU B 279 22.33 -0.67 22.52
CA LEU B 279 21.03 -1.23 22.16
C LEU B 279 21.16 -2.28 21.07
N PHE B 280 20.78 -3.53 21.34
CA PHE B 280 20.81 -4.67 20.37
C PHE B 280 19.38 -5.21 20.12
N ALA B 281 19.20 -5.94 19.02
CA ALA B 281 17.90 -6.51 18.72
C ALA B 281 18.17 -7.89 18.18
N ALA B 282 17.29 -8.83 18.55
CA ALA B 282 17.40 -10.22 18.07
C ALA B 282 16.02 -10.83 17.85
N GLY B 283 15.96 -11.88 17.04
CA GLY B 283 14.68 -12.57 16.77
C GLY B 283 13.82 -12.02 15.63
N ASP B 284 12.51 -12.24 15.73
CA ASP B 284 11.54 -11.67 14.77
C ASP B 284 11.58 -10.16 14.69
N LEU B 285 11.97 -9.53 15.77
CA LEU B 285 11.90 -8.07 15.82
C LEU B 285 12.94 -7.40 14.88
N ARG B 286 14.05 -8.08 14.54
CA ARG B 286 15.14 -7.41 13.79
C ARG B 286 15.00 -7.49 12.26
N LYS B 287 15.74 -6.60 11.58
CA LYS B 287 15.78 -6.51 10.13
C LYS B 287 15.98 -7.82 9.42
N ASP B 288 15.04 -8.17 8.53
CA ASP B 288 15.12 -9.36 7.67
C ASP B 288 14.99 -10.72 8.42
N ALA B 289 14.44 -10.67 9.63
CA ALA B 289 14.14 -11.86 10.45
C ALA B 289 13.47 -12.95 9.60
N PRO B 290 14.07 -14.14 9.53
CA PRO B 290 13.43 -15.25 8.79
C PRO B 290 12.27 -15.90 9.56
N LYS B 291 12.07 -15.51 10.80
CA LYS B 291 10.98 -16.08 11.61
C LYS B 291 11.14 -17.60 11.85
N GLN B 292 12.26 -18.00 12.42
CA GLN B 292 12.44 -19.36 12.79
C GLN B 292 13.01 -19.36 14.17
N VAL B 293 12.72 -20.39 14.93
CA VAL B 293 13.29 -20.59 16.28
C VAL B 293 14.81 -20.71 16.28
N ILE B 294 15.38 -21.49 15.32
CA ILE B 294 16.80 -21.72 15.28
C ILE B 294 17.51 -20.42 15.06
N CYS B 295 16.94 -19.59 14.17
CA CYS B 295 17.54 -18.32 13.80
C CYS B 295 17.50 -17.34 14.97
N ALA B 296 16.34 -17.23 15.61
CA ALA B 296 16.19 -16.34 16.73
C ALA B 296 17.18 -16.73 17.83
N ALA B 297 17.35 -18.03 18.09
CA ALA B 297 18.39 -18.46 19.03
C ALA B 297 19.77 -17.99 18.62
N GLY B 298 20.11 -18.13 17.35
CA GLY B 298 21.40 -17.74 16.85
C GLY B 298 21.62 -16.25 17.05
N ASP B 299 20.57 -15.48 16.70
CA ASP B 299 20.51 -14.01 16.86
C ASP B 299 20.73 -13.56 18.28
N GLY B 300 20.12 -14.24 19.25
CA GLY B 300 20.26 -13.86 20.65
C GLY B 300 21.68 -14.13 21.14
N ALA B 301 22.29 -15.21 20.62
CA ALA B 301 23.67 -15.50 21.03
C ALA B 301 24.60 -14.38 20.54
N VAL B 302 24.39 -13.98 19.29
CA VAL B 302 25.18 -12.90 18.68
C VAL B 302 24.95 -11.61 19.46
N ALA B 303 23.69 -11.31 19.75
CA ALA B 303 23.32 -10.09 20.50
C ALA B 303 24.08 -10.03 21.80
N ALA B 304 24.24 -11.21 22.43
CA ALA B 304 24.84 -11.29 23.73
C ALA B 304 26.31 -11.04 23.67
N LEU B 305 26.96 -11.67 22.68
CA LEU B 305 28.39 -11.51 22.48
C LEU B 305 28.70 -10.03 22.22
N SER B 306 27.92 -9.36 21.37
CA SER B 306 28.16 -7.95 21.09
C SER B 306 27.91 -7.11 22.33
N ALA B 307 27.01 -7.55 23.21
CA ALA B 307 26.72 -6.74 24.37
C ALA B 307 27.85 -6.91 25.37
N ALA B 309 31.05 -7.44 24.46
CA ALA B 309 32.14 -6.62 23.93
C ALA B 309 31.91 -5.15 24.29
N TYR B 310 30.64 -4.71 24.18
CA TYR B 310 30.28 -3.34 24.41
C TYR B 310 30.54 -2.91 25.84
N ILE B 311 30.06 -3.70 26.77
CA ILE B 311 30.37 -3.47 28.17
C ILE B 311 31.88 -3.45 28.44
N GLU B 312 32.58 -4.56 28.25
CA GLU B 312 34.02 -4.57 28.43
CA GLU B 312 34.04 -4.59 28.40
C GLU B 312 34.66 -3.29 27.88
N SER B 313 34.29 -2.93 26.66
CA SER B 313 34.79 -1.73 25.98
C SER B 313 34.56 -0.39 26.68
N LEU B 314 33.71 -0.36 27.70
CA LEU B 314 33.33 0.88 28.38
C LEU B 314 34.43 1.45 29.29
#